data_6K81
#
_entry.id   6K81
#
_cell.length_a   70.452
_cell.length_b   128.995
_cell.length_c   44.540
_cell.angle_alpha   90.00
_cell.angle_beta   90.00
_cell.angle_gamma   90.00
#
_symmetry.space_group_name_H-M   'P 21 21 2'
#
loop_
_entity.id
_entity.type
_entity.pdbx_description
1 polymer 'Tubulinyl-Tyr carboxypeptidase 1'
2 polymer 'Small vasohibin-binding protein'
3 water water
#
loop_
_entity_poly.entity_id
_entity_poly.type
_entity_poly.pdbx_seq_one_letter_code
_entity_poly.pdbx_strand_id
1 'polypeptide(L)'
;MPGGKKVAGGGSSGATPTSAAATAPSGVRRLETSEGTSAQRDEEPEEEGEEDLRDGGVPFFVNRGGLPVDEATWERMWKH
VAKIHPDGEKVAQRIRGATDLPKIPIPSVPTFQPSTPVPERLEAVQRYIRELQYNHTGTQFFEIKKSRPLTGLMDLAKEM
TKEALPIKCLEAVILGIYLTNSMPTLERFPISFKTYFSGNYFRHIVLGVNFAGRYGALGMSRREDLMYKPPAFRTLSELV
LDFEAAYGRCWHVLKKVKLGQSVSHDPHSVEQIEWKHSVLDVERLGRDDFRKELERHARDMRLKIGKGTGPPSPTKDRKK
DVSSPQRAQSSPHRRNSRSERRPSGDKKTSEPKAMPDLNGYQIRV
;
A
2 'polypeptide(L)' MDPPARKEKTKVKESVSRVEKAKQKSAQQELKQRQRAEIYALNRVMTELEQQQFDEFCKQMQPPGE B
#
# COMPACT_ATOMS: atom_id res chain seq x y z
N PHE A 60 -9.79 12.03 2.43
CA PHE A 60 -8.55 11.58 1.80
C PHE A 60 -8.28 12.35 0.49
N PHE A 61 -7.70 13.53 0.63
CA PHE A 61 -7.30 14.30 -0.54
C PHE A 61 -6.06 13.68 -1.18
N VAL A 62 -5.82 14.04 -2.44
CA VAL A 62 -4.69 13.54 -3.20
C VAL A 62 -3.81 14.72 -3.59
N ASN A 63 -2.53 14.63 -3.27
CA ASN A 63 -1.58 15.68 -3.61
C ASN A 63 -1.17 15.53 -5.07
N ARG A 64 -1.55 16.50 -5.89
CA ARG A 64 -1.09 16.61 -7.26
C ARG A 64 -0.18 17.82 -7.40
N GLY A 65 0.93 17.65 -8.09
CA GLY A 65 1.94 18.69 -8.19
C GLY A 65 3.29 18.32 -7.61
N GLY A 66 3.42 17.14 -7.00
CA GLY A 66 4.71 16.67 -6.55
C GLY A 66 5.11 17.22 -5.19
N LEU A 67 6.29 16.80 -4.75
CA LEU A 67 6.87 17.18 -3.47
C LEU A 67 8.05 18.11 -3.71
N PRO A 68 8.16 19.23 -2.98
CA PRO A 68 7.36 19.69 -1.84
C PRO A 68 5.88 19.89 -2.13
N VAL A 69 5.06 19.67 -1.10
CA VAL A 69 3.63 19.94 -1.22
C VAL A 69 3.41 21.42 -1.48
N ASP A 70 2.59 21.73 -2.49
CA ASP A 70 2.31 23.12 -2.81
C ASP A 70 1.56 23.80 -1.68
N GLU A 71 1.53 25.13 -1.74
CA GLU A 71 0.87 25.92 -0.69
C GLU A 71 -0.59 25.53 -0.54
N ALA A 72 -1.30 25.34 -1.66
CA ALA A 72 -2.72 25.02 -1.61
C ALA A 72 -2.96 23.66 -0.98
N THR A 73 -2.22 22.64 -1.42
CA THR A 73 -2.40 21.30 -0.86
C THR A 73 -2.01 21.25 0.61
N TRP A 74 -0.95 21.96 0.98
CA TRP A 74 -0.54 22.03 2.39
C TRP A 74 -1.63 22.64 3.25
N GLU A 75 -2.15 23.81 2.83
CA GLU A 75 -3.22 24.46 3.57
C GLU A 75 -4.46 23.58 3.64
N ARG A 76 -4.77 22.89 2.55
CA ARG A 76 -5.94 22.01 2.54
C ARG A 76 -5.78 20.84 3.50
N MET A 77 -4.59 20.24 3.54
CA MET A 77 -4.30 19.19 4.51
C MET A 77 -4.51 19.70 5.93
N TRP A 78 -4.00 20.90 6.22
CA TRP A 78 -4.12 21.41 7.58
C TRP A 78 -5.57 21.79 7.92
N LYS A 79 -6.34 22.27 6.94
CA LYS A 79 -7.77 22.50 7.19
C LYS A 79 -8.51 21.20 7.46
N HIS A 80 -8.23 20.17 6.68
CA HIS A 80 -8.79 18.85 6.92
C HIS A 80 -8.47 18.37 8.32
N VAL A 81 -7.22 18.57 8.76
CA VAL A 81 -6.84 18.19 10.11
C VAL A 81 -7.63 18.99 11.14
N ALA A 82 -7.76 20.30 10.92
CA ALA A 82 -8.47 21.15 11.87
C ALA A 82 -9.92 20.73 12.02
N LYS A 83 -10.55 20.25 10.94
CA LYS A 83 -11.95 19.87 11.06
C LYS A 83 -12.12 18.45 11.59
N ILE A 84 -11.27 17.51 11.16
CA ILE A 84 -11.39 16.12 11.59
C ILE A 84 -11.02 15.99 13.07
N HIS A 85 -9.82 16.44 13.42
CA HIS A 85 -9.32 16.29 14.77
C HIS A 85 -10.00 17.27 15.71
N PRO A 86 -10.57 16.82 16.82
CA PRO A 86 -10.79 17.73 17.94
C PRO A 86 -9.43 18.16 18.48
N ASP A 87 -9.31 19.44 18.83
CA ASP A 87 -8.03 20.14 18.99
C ASP A 87 -7.33 20.35 17.65
N GLY A 88 -8.07 20.31 16.55
CA GLY A 88 -7.44 20.31 15.23
C GLY A 88 -6.59 21.54 14.98
N GLU A 89 -7.15 22.73 15.25
CA GLU A 89 -6.35 23.93 15.08
C GLU A 89 -5.29 24.03 16.17
N LYS A 90 -5.54 23.46 17.36
CA LYS A 90 -4.46 23.36 18.34
C LYS A 90 -3.35 22.44 17.84
N VAL A 91 -3.73 21.37 17.14
CA VAL A 91 -2.74 20.49 16.52
C VAL A 91 -1.89 21.26 15.52
N ALA A 92 -2.55 22.01 14.64
CA ALA A 92 -1.81 22.80 13.65
C ALA A 92 -0.94 23.85 14.31
N GLN A 93 -1.43 24.47 15.38
CA GLN A 93 -0.65 25.50 16.07
C GLN A 93 0.60 24.89 16.71
N ARG A 94 0.47 23.69 17.28
CA ARG A 94 1.62 23.03 17.88
C ARG A 94 2.63 22.60 16.81
N ILE A 95 2.17 22.08 15.68
CA ILE A 95 3.08 21.44 14.74
C ILE A 95 3.63 22.44 13.72
N ARG A 96 2.78 23.28 13.13
CA ARG A 96 3.22 24.13 12.03
C ARG A 96 4.24 25.16 12.51
N GLY A 97 5.41 25.16 11.88
CA GLY A 97 6.47 26.07 12.24
C GLY A 97 7.30 25.67 13.44
N ALA A 98 6.89 24.62 14.16
CA ALA A 98 7.63 24.19 15.34
C ALA A 98 9.07 23.84 14.97
N THR A 99 10.00 24.16 15.87
CA THR A 99 11.42 23.96 15.64
C THR A 99 11.99 22.81 16.44
N ASP A 100 11.18 22.14 17.26
CA ASP A 100 11.63 21.04 18.10
C ASP A 100 11.08 19.68 17.65
N LEU A 101 10.65 19.58 16.40
CA LEU A 101 10.02 18.36 15.92
C LEU A 101 11.06 17.25 15.76
N PRO A 102 10.70 16.02 15.92
CA PRO A 102 11.67 14.97 15.65
C PRO A 102 12.14 14.86 14.21
N LYS A 103 13.41 14.59 14.04
CA LYS A 103 13.99 14.29 12.75
C LYS A 103 13.73 12.87 12.44
N ILE A 104 13.21 12.59 11.28
CA ILE A 104 12.88 11.26 10.92
C ILE A 104 13.96 10.82 10.02
N PRO A 105 14.64 9.76 10.39
CA PRO A 105 15.63 9.19 9.47
C PRO A 105 14.95 8.60 8.25
N ILE A 106 15.56 8.84 7.09
CA ILE A 106 15.06 8.26 5.84
C ILE A 106 15.35 6.77 5.88
N PRO A 107 14.32 5.92 5.92
CA PRO A 107 14.57 4.47 5.99
C PRO A 107 15.38 4.00 4.79
N SER A 108 16.32 3.10 5.05
CA SER A 108 17.20 2.58 4.01
C SER A 108 16.45 1.52 3.21
N VAL A 109 16.51 1.64 1.89
CA VAL A 109 15.92 0.61 1.03
C VAL A 109 16.70 -0.69 1.19
N PRO A 110 16.05 -1.80 1.49
CA PRO A 110 16.79 -3.05 1.70
C PRO A 110 17.40 -3.58 0.40
N THR A 111 18.64 -4.04 0.50
CA THR A 111 19.29 -4.79 -0.56
C THR A 111 19.72 -6.14 -0.01
N PHE A 112 19.80 -7.14 -0.90
CA PHE A 112 19.91 -8.52 -0.46
C PHE A 112 21.10 -9.21 -1.08
N GLN A 113 21.76 -10.05 -0.29
CA GLN A 113 22.78 -10.93 -0.80
C GLN A 113 22.15 -11.99 -1.71
N PRO A 114 22.88 -12.47 -2.71
CA PRO A 114 22.35 -13.55 -3.55
C PRO A 114 22.05 -14.82 -2.79
N SER A 115 22.66 -15.01 -1.62
CA SER A 115 22.45 -16.20 -0.81
C SER A 115 21.23 -16.10 0.10
N THR A 116 20.61 -14.92 0.19
CA THR A 116 19.46 -14.76 1.06
C THR A 116 18.23 -15.40 0.42
N PRO A 117 17.52 -16.28 1.13
CA PRO A 117 16.30 -16.87 0.56
C PRO A 117 15.22 -15.82 0.34
N VAL A 118 14.39 -16.07 -0.66
CA VAL A 118 13.37 -15.09 -1.04
C VAL A 118 12.41 -14.74 0.10
N PRO A 119 11.90 -15.69 0.90
CA PRO A 119 11.00 -15.29 1.99
C PRO A 119 11.63 -14.34 3.01
N GLU A 120 12.93 -14.49 3.26
CA GLU A 120 13.62 -13.52 4.12
C GLU A 120 13.63 -12.14 3.48
N ARG A 121 13.89 -12.08 2.18
CA ARG A 121 13.84 -10.82 1.46
C ARG A 121 12.45 -10.20 1.55
N LEU A 122 11.41 -11.03 1.44
CA LEU A 122 10.04 -10.53 1.54
C LEU A 122 9.77 -9.94 2.92
N GLU A 123 10.26 -10.61 3.97
CA GLU A 123 10.13 -10.03 5.31
C GLU A 123 10.79 -8.67 5.38
N ALA A 124 11.99 -8.55 4.80
CA ALA A 124 12.70 -7.25 4.83
C ALA A 124 11.94 -6.18 4.05
N VAL A 125 11.38 -6.54 2.90
CA VAL A 125 10.64 -5.58 2.07
C VAL A 125 9.39 -5.10 2.83
N GLN A 126 8.67 -6.04 3.43
CA GLN A 126 7.49 -5.66 4.20
C GLN A 126 7.88 -4.78 5.39
N ARG A 127 9.03 -5.07 6.01
CA ARG A 127 9.49 -4.24 7.11
C ARG A 127 9.75 -2.81 6.64
N TYR A 128 10.39 -2.65 5.47
CA TYR A 128 10.62 -1.31 4.93
C TYR A 128 9.29 -0.59 4.69
N ILE A 129 8.36 -1.28 4.02
CA ILE A 129 7.06 -0.69 3.74
C ILE A 129 6.37 -0.24 5.02
N ARG A 130 6.42 -1.08 6.07
CA ARG A 130 5.84 -0.70 7.36
C ARG A 130 6.57 0.50 7.94
N GLU A 131 7.89 0.54 7.82
CA GLU A 131 8.66 1.65 8.35
C GLU A 131 8.20 2.99 7.80
N LEU A 132 7.75 3.00 6.54
CA LEU A 132 7.24 4.27 6.00
C LEU A 132 6.02 4.79 6.76
N GLN A 133 5.32 3.94 7.53
CA GLN A 133 4.16 4.28 8.35
C GLN A 133 2.89 4.42 7.51
N TYR A 134 1.75 4.03 8.08
CA TYR A 134 0.48 4.21 7.39
C TYR A 134 0.06 5.68 7.42
N ASN A 135 -0.46 6.17 6.30
CA ASN A 135 -0.80 7.58 6.14
C ASN A 135 -2.17 7.86 6.76
N HIS A 136 -2.17 8.51 7.92
CA HIS A 136 -3.41 8.90 8.59
C HIS A 136 -3.67 10.41 8.52
N THR A 137 -2.91 11.14 7.71
CA THR A 137 -3.05 12.59 7.65
C THR A 137 -4.25 13.04 6.84
N GLY A 138 -4.88 12.14 6.07
CA GLY A 138 -5.98 12.54 5.21
C GLY A 138 -5.56 13.15 3.90
N THR A 139 -4.27 13.15 3.58
CA THR A 139 -3.76 13.67 2.31
C THR A 139 -2.81 12.64 1.72
N GLN A 140 -3.19 12.07 0.58
CA GLN A 140 -2.32 11.15 -0.15
C GLN A 140 -1.24 11.97 -0.85
N PHE A 141 0.04 11.63 -0.60
CA PHE A 141 1.14 12.45 -1.08
C PHE A 141 1.65 12.05 -2.45
N PHE A 142 1.26 10.88 -2.96
CA PHE A 142 1.66 10.45 -4.30
C PHE A 142 0.41 10.06 -5.08
N GLU A 143 0.16 10.73 -6.19
CA GLU A 143 -0.94 10.38 -7.07
C GLU A 143 -0.57 9.16 -7.89
N ILE A 144 -1.42 8.14 -7.87
CA ILE A 144 -1.16 6.90 -8.59
C ILE A 144 -2.24 6.72 -9.64
N LYS A 145 -1.88 6.92 -10.90
CA LYS A 145 -2.75 6.62 -12.03
C LYS A 145 -2.55 5.16 -12.40
N LYS A 146 -3.53 4.31 -12.08
CA LYS A 146 -3.36 2.87 -12.22
C LYS A 146 -3.18 2.42 -13.66
N SER A 147 -3.59 3.23 -14.64
CA SER A 147 -3.46 2.88 -16.04
C SER A 147 -2.11 3.27 -16.63
N ARG A 148 -1.23 3.89 -15.85
CA ARG A 148 0.08 4.28 -16.35
C ARG A 148 0.88 3.04 -16.74
N PRO A 149 1.80 3.17 -17.69
CA PRO A 149 2.73 2.07 -17.97
C PRO A 149 3.60 1.78 -16.75
N LEU A 150 4.11 0.54 -16.71
CA LEU A 150 4.87 0.09 -15.56
C LEU A 150 6.02 1.02 -15.22
N THR A 151 6.75 1.50 -16.24
CA THR A 151 7.96 2.28 -15.98
C THR A 151 7.64 3.59 -15.27
N GLY A 152 6.48 4.19 -15.57
CA GLY A 152 6.07 5.38 -14.84
C GLY A 152 5.77 5.10 -13.38
N LEU A 153 5.04 4.01 -13.12
CA LEU A 153 4.78 3.61 -11.73
C LEU A 153 6.06 3.28 -10.99
N MET A 154 7.06 2.73 -11.69
CA MET A 154 8.32 2.38 -11.04
C MET A 154 9.15 3.64 -10.75
N ASP A 155 9.12 4.62 -11.65
CA ASP A 155 9.72 5.91 -11.32
C ASP A 155 9.04 6.53 -10.11
N LEU A 156 7.71 6.40 -10.02
CA LEU A 156 6.99 6.89 -8.85
C LEU A 156 7.43 6.18 -7.58
N ALA A 157 7.60 4.86 -7.64
CA ALA A 157 8.04 4.10 -6.47
C ALA A 157 9.45 4.49 -6.05
N LYS A 158 10.33 4.71 -7.03
CA LYS A 158 11.67 5.20 -6.71
C LYS A 158 11.61 6.54 -5.99
N GLU A 159 10.76 7.45 -6.48
CA GLU A 159 10.62 8.73 -5.79
C GLU A 159 10.04 8.54 -4.39
N MET A 160 9.14 7.56 -4.21
CA MET A 160 8.64 7.26 -2.89
C MET A 160 9.77 6.84 -1.96
N THR A 161 10.67 5.98 -2.45
CA THR A 161 11.80 5.56 -1.63
C THR A 161 12.73 6.72 -1.32
N LYS A 162 12.85 7.69 -2.22
CA LYS A 162 13.77 8.77 -1.98
C LYS A 162 13.20 9.85 -1.07
N GLU A 163 11.88 10.06 -1.10
CA GLU A 163 11.28 11.13 -0.29
C GLU A 163 10.66 10.64 1.02
N ALA A 164 10.28 9.37 1.11
CA ALA A 164 9.99 8.68 2.38
C ALA A 164 8.89 9.40 3.17
N LEU A 165 7.67 9.21 2.70
CA LEU A 165 6.46 9.73 3.34
C LEU A 165 5.50 8.59 3.66
N PRO A 166 4.56 8.79 4.57
CA PRO A 166 3.56 7.75 4.85
C PRO A 166 2.74 7.42 3.61
N ILE A 167 2.25 6.18 3.56
CA ILE A 167 1.62 5.63 2.37
C ILE A 167 0.39 4.84 2.77
N LYS A 168 -0.36 4.35 1.77
CA LYS A 168 -1.53 3.51 2.00
C LYS A 168 -1.49 2.27 1.12
N CYS A 169 -2.67 1.74 0.77
CA CYS A 169 -2.78 0.43 0.12
C CYS A 169 -2.03 0.41 -1.22
N LEU A 170 -2.42 1.31 -2.13
CA LEU A 170 -1.97 1.22 -3.52
C LEU A 170 -0.50 1.60 -3.64
N GLU A 171 -0.08 2.63 -2.90
CA GLU A 171 1.33 2.98 -2.86
C GLU A 171 2.17 1.79 -2.40
N ALA A 172 1.68 1.06 -1.39
CA ALA A 172 2.41 -0.11 -0.92
C ALA A 172 2.48 -1.18 -2.00
N VAL A 173 1.40 -1.38 -2.76
CA VAL A 173 1.43 -2.36 -3.85
C VAL A 173 2.50 -1.99 -4.87
N ILE A 174 2.53 -0.73 -5.29
CA ILE A 174 3.50 -0.28 -6.27
C ILE A 174 4.92 -0.42 -5.72
N LEU A 175 5.11 -0.08 -4.44
CA LEU A 175 6.41 -0.22 -3.82
C LEU A 175 6.85 -1.67 -3.77
N GLY A 176 5.93 -2.58 -3.47
CA GLY A 176 6.28 -3.99 -3.42
C GLY A 176 6.71 -4.52 -4.76
N ILE A 177 6.02 -4.11 -5.83
CA ILE A 177 6.45 -4.48 -7.17
C ILE A 177 7.86 -3.94 -7.43
N TYR A 178 8.09 -2.66 -7.12
CA TYR A 178 9.38 -2.05 -7.37
C TYR A 178 10.51 -2.74 -6.61
N LEU A 179 10.23 -3.16 -5.38
CA LEU A 179 11.25 -3.75 -4.52
C LEU A 179 11.43 -5.24 -4.72
N THR A 180 10.54 -5.91 -5.47
CA THR A 180 10.73 -7.32 -5.76
C THR A 180 11.00 -7.61 -7.23
N ASN A 181 11.29 -6.58 -8.04
CA ASN A 181 11.65 -6.83 -9.43
C ASN A 181 12.96 -7.61 -9.56
N SER A 182 13.79 -7.58 -8.52
CA SER A 182 15.06 -8.29 -8.51
C SER A 182 14.92 -9.76 -8.13
N MET A 183 13.69 -10.27 -7.98
CA MET A 183 13.42 -11.65 -7.57
C MET A 183 12.64 -12.35 -8.67
N PRO A 184 13.30 -12.77 -9.74
CA PRO A 184 12.57 -13.37 -10.87
C PRO A 184 11.84 -14.65 -10.53
N THR A 185 12.24 -15.36 -9.49
CA THR A 185 11.53 -16.55 -9.05
C THR A 185 10.30 -16.24 -8.23
N LEU A 186 9.96 -14.96 -8.09
CA LEU A 186 8.81 -14.52 -7.30
C LEU A 186 7.81 -13.86 -8.23
N GLU A 187 6.59 -14.38 -8.26
CA GLU A 187 5.54 -13.77 -9.06
C GLU A 187 4.72 -12.82 -8.19
N ARG A 188 4.35 -11.69 -8.77
CA ARG A 188 3.61 -10.65 -8.06
C ARG A 188 2.34 -10.34 -8.84
N PHE A 189 1.24 -10.15 -8.12
CA PHE A 189 -0.02 -9.85 -8.79
C PHE A 189 -0.93 -9.12 -7.82
N PRO A 190 -1.61 -8.06 -8.23
CA PRO A 190 -2.47 -7.33 -7.29
C PRO A 190 -3.73 -8.09 -6.95
N ILE A 191 -4.17 -7.92 -5.70
CA ILE A 191 -5.44 -8.48 -5.22
C ILE A 191 -6.23 -7.35 -4.57
N SER A 192 -7.42 -7.06 -5.11
CA SER A 192 -8.31 -6.02 -4.62
C SER A 192 -9.49 -6.64 -3.91
N PHE A 193 -9.90 -6.01 -2.82
CA PHE A 193 -11.06 -6.44 -2.04
C PHE A 193 -12.05 -5.29 -1.99
N LYS A 194 -13.31 -5.61 -2.23
CA LYS A 194 -14.42 -4.69 -2.00
C LYS A 194 -15.31 -5.34 -0.95
N THR A 195 -15.46 -4.66 0.18
CA THR A 195 -16.19 -5.18 1.34
C THR A 195 -17.29 -4.21 1.75
N TYR A 196 -18.08 -4.64 2.72
CA TYR A 196 -19.26 -3.88 3.15
C TYR A 196 -19.37 -3.92 4.67
N PHE A 197 -19.62 -2.76 5.27
CA PHE A 197 -19.87 -2.68 6.70
C PHE A 197 -20.71 -1.45 7.01
N SER A 198 -21.77 -1.66 7.79
CA SER A 198 -22.62 -0.59 8.30
C SER A 198 -23.09 0.36 7.20
N GLY A 199 -23.61 -0.23 6.13
CA GLY A 199 -24.15 0.55 5.03
C GLY A 199 -23.12 1.20 4.15
N ASN A 200 -21.82 1.04 4.42
CA ASN A 200 -20.78 1.64 3.61
C ASN A 200 -19.95 0.56 2.91
N TYR A 201 -19.44 0.90 1.73
CA TYR A 201 -18.58 0.01 0.96
C TYR A 201 -17.14 0.49 1.08
N PHE A 202 -16.22 -0.47 1.13
CA PHE A 202 -14.81 -0.17 1.35
C PHE A 202 -13.98 -0.92 0.32
N ARG A 203 -12.83 -0.33 -0.02
CA ARG A 203 -11.93 -0.92 -1.00
C ARG A 203 -10.53 -1.01 -0.42
N HIS A 204 -9.84 -2.09 -0.75
CA HIS A 204 -8.50 -2.35 -0.22
C HIS A 204 -7.74 -3.12 -1.27
N ILE A 205 -6.41 -3.01 -1.24
CA ILE A 205 -5.61 -3.73 -2.22
C ILE A 205 -4.29 -4.15 -1.58
N VAL A 206 -3.83 -5.35 -1.94
CA VAL A 206 -2.53 -5.87 -1.52
C VAL A 206 -1.84 -6.45 -2.76
N LEU A 207 -0.58 -6.80 -2.59
CA LEU A 207 0.21 -7.44 -3.65
C LEU A 207 0.33 -8.91 -3.29
N GLY A 208 -0.51 -9.74 -3.89
CA GLY A 208 -0.34 -11.17 -3.75
C GLY A 208 0.97 -11.62 -4.37
N VAL A 209 1.55 -12.66 -3.79
CA VAL A 209 2.90 -13.07 -4.09
C VAL A 209 2.94 -14.58 -4.17
N ASN A 210 3.80 -15.09 -5.04
CA ASN A 210 3.91 -16.53 -5.29
C ASN A 210 5.38 -16.91 -5.35
N PHE A 211 5.78 -17.85 -4.50
CA PHE A 211 7.14 -18.36 -4.49
C PHE A 211 7.12 -19.85 -4.20
N ALA A 212 7.82 -20.63 -5.02
CA ALA A 212 7.94 -22.08 -4.84
C ALA A 212 6.58 -22.73 -4.70
N GLY A 213 5.62 -22.27 -5.50
CA GLY A 213 4.29 -22.83 -5.49
C GLY A 213 3.44 -22.49 -4.30
N ARG A 214 3.83 -21.51 -3.49
CA ARG A 214 3.06 -21.10 -2.32
C ARG A 214 2.78 -19.61 -2.37
N TYR A 215 1.65 -19.22 -1.80
CA TYR A 215 1.12 -17.87 -1.92
C TYR A 215 1.23 -17.11 -0.61
N GLY A 216 1.56 -15.84 -0.71
CA GLY A 216 1.56 -14.92 0.40
C GLY A 216 1.16 -13.53 -0.07
N ALA A 217 1.45 -12.49 0.71
CA ALA A 217 1.08 -11.14 0.30
C ALA A 217 1.99 -10.12 0.95
N LEU A 218 2.18 -9.01 0.26
CA LEU A 218 2.75 -7.79 0.81
C LEU A 218 1.68 -6.69 0.77
N GLY A 219 1.84 -5.69 1.60
CA GLY A 219 0.94 -4.56 1.54
C GLY A 219 0.99 -3.72 2.79
N MET A 220 0.10 -2.72 2.80
CA MET A 220 -0.09 -1.81 3.91
C MET A 220 -1.56 -1.75 4.24
N SER A 221 -1.89 -1.76 5.53
CA SER A 221 -3.29 -1.73 5.93
C SER A 221 -3.39 -1.23 7.36
N ARG A 222 -4.61 -0.81 7.71
CA ARG A 222 -4.91 -0.41 9.09
C ARG A 222 -4.74 -1.58 10.04
N ARG A 223 -5.13 -2.78 9.60
CA ARG A 223 -5.09 -3.97 10.43
C ARG A 223 -3.91 -4.86 10.04
N GLU A 224 -3.33 -5.52 11.04
CA GLU A 224 -2.19 -6.39 10.79
C GLU A 224 -2.56 -7.59 9.92
N ASP A 225 -3.77 -8.11 10.08
CA ASP A 225 -4.16 -9.31 9.36
C ASP A 225 -4.70 -9.00 7.96
N LEU A 226 -4.56 -7.78 7.48
CA LEU A 226 -5.03 -7.41 6.15
C LEU A 226 -3.90 -6.91 5.26
N MET A 227 -2.66 -7.32 5.54
CA MET A 227 -1.56 -6.94 4.67
C MET A 227 -0.59 -8.11 4.48
N TYR A 228 0.43 -8.21 5.32
CA TYR A 228 1.49 -9.19 5.11
C TYR A 228 0.99 -10.61 5.35
N LYS A 229 1.30 -11.49 4.40
CA LYS A 229 1.11 -12.93 4.56
C LYS A 229 2.37 -13.63 4.06
N PRO A 230 3.04 -14.42 4.88
CA PRO A 230 4.20 -15.15 4.40
C PRO A 230 3.80 -16.15 3.32
N PRO A 231 4.66 -16.38 2.34
CA PRO A 231 4.30 -17.28 1.23
C PRO A 231 4.26 -18.74 1.64
N ALA A 232 3.26 -19.10 2.46
CA ALA A 232 3.09 -20.47 2.94
C ALA A 232 1.75 -21.09 2.55
N PHE A 233 0.85 -20.34 1.94
CA PHE A 233 -0.46 -20.87 1.57
C PHE A 233 -0.31 -21.73 0.31
N ARG A 234 -0.81 -22.96 0.38
CA ARG A 234 -0.57 -23.93 -0.68
C ARG A 234 -1.36 -23.61 -1.93
N THR A 235 -2.49 -22.91 -1.81
CA THR A 235 -3.30 -22.52 -2.95
C THR A 235 -3.70 -21.06 -2.81
N LEU A 236 -4.02 -20.45 -3.96
CA LEU A 236 -4.47 -19.06 -3.94
C LEU A 236 -5.77 -18.90 -3.18
N SER A 237 -6.65 -19.90 -3.27
CA SER A 237 -7.93 -19.84 -2.56
C SER A 237 -7.72 -19.76 -1.06
N GLU A 238 -6.73 -20.49 -0.54
CA GLU A 238 -6.47 -20.43 0.90
C GLU A 238 -6.02 -19.04 1.33
N LEU A 239 -5.19 -18.39 0.52
CA LEU A 239 -4.77 -17.02 0.82
C LEU A 239 -5.97 -16.07 0.82
N VAL A 240 -6.79 -16.13 -0.23
CA VAL A 240 -7.93 -15.24 -0.30
C VAL A 240 -8.91 -15.50 0.83
N LEU A 241 -9.09 -16.78 1.20
CA LEU A 241 -9.99 -17.13 2.29
C LEU A 241 -9.45 -16.67 3.63
N ASP A 242 -8.14 -16.67 3.81
CA ASP A 242 -7.56 -16.07 5.00
C ASP A 242 -7.87 -14.58 5.07
N PHE A 243 -7.76 -13.88 3.95
CA PHE A 243 -8.14 -12.47 3.95
C PHE A 243 -9.63 -12.30 4.29
N GLU A 244 -10.48 -13.16 3.73
CA GLU A 244 -11.92 -13.06 3.99
C GLU A 244 -12.22 -13.34 5.46
N ALA A 245 -11.49 -14.28 6.06
CA ALA A 245 -11.67 -14.56 7.48
C ALA A 245 -11.28 -13.35 8.33
N ALA A 246 -10.17 -12.69 8.00
CA ALA A 246 -9.81 -11.49 8.74
C ALA A 246 -10.88 -10.41 8.59
N TYR A 247 -11.37 -10.22 7.37
CA TYR A 247 -12.45 -9.27 7.13
C TYR A 247 -13.67 -9.59 8.01
N GLY A 248 -14.11 -10.85 7.99
CA GLY A 248 -15.23 -11.24 8.82
C GLY A 248 -14.97 -11.01 10.30
N ARG A 249 -13.71 -11.20 10.73
CA ARG A 249 -13.35 -10.97 12.12
C ARG A 249 -13.53 -9.51 12.49
N CYS A 250 -13.24 -8.59 11.57
CA CYS A 250 -13.56 -7.19 11.84
C CYS A 250 -14.94 -6.79 11.29
N TRP A 251 -15.85 -7.76 11.15
CA TRP A 251 -17.27 -7.52 10.89
C TRP A 251 -17.53 -6.89 9.52
N HIS A 252 -16.65 -7.15 8.56
CA HIS A 252 -16.86 -6.73 7.18
C HIS A 252 -17.34 -7.91 6.35
N VAL A 253 -18.28 -7.67 5.44
CA VAL A 253 -18.74 -8.68 4.49
C VAL A 253 -17.97 -8.48 3.20
N LEU A 254 -17.31 -9.55 2.73
CA LEU A 254 -16.54 -9.48 1.49
C LEU A 254 -17.46 -9.63 0.29
N LYS A 255 -17.50 -8.60 -0.55
CA LYS A 255 -18.37 -8.57 -1.72
C LYS A 255 -17.66 -8.98 -3.00
N LYS A 256 -16.52 -8.37 -3.29
CA LYS A 256 -15.83 -8.60 -4.56
C LYS A 256 -14.35 -8.82 -4.33
N VAL A 257 -13.76 -9.70 -5.13
CA VAL A 257 -12.31 -9.91 -5.16
C VAL A 257 -11.84 -9.76 -6.60
N LYS A 258 -10.91 -8.85 -6.84
CA LYS A 258 -10.39 -8.59 -8.18
C LYS A 258 -8.90 -8.93 -8.21
N LEU A 259 -8.55 -9.97 -8.97
CA LEU A 259 -7.18 -10.46 -9.06
C LEU A 259 -6.59 -10.11 -10.42
N GLY A 260 -5.34 -9.64 -10.41
CA GLY A 260 -4.65 -9.27 -11.62
C GLY A 260 -3.71 -10.35 -12.12
N GLN A 261 -3.14 -10.08 -13.29
CA GLN A 261 -2.13 -10.97 -13.86
C GLN A 261 -0.78 -10.68 -13.22
N SER A 262 0.18 -11.57 -13.48
CA SER A 262 1.54 -11.36 -13.01
C SER A 262 2.11 -10.07 -13.59
N VAL A 263 2.90 -9.36 -12.78
CA VAL A 263 3.49 -8.10 -13.17
C VAL A 263 4.91 -8.33 -13.66
N SER A 264 5.27 -7.67 -14.75
CA SER A 264 6.61 -7.83 -15.32
C SER A 264 7.69 -7.41 -14.34
N HIS A 265 8.80 -8.14 -14.35
CA HIS A 265 9.97 -7.79 -13.56
C HIS A 265 10.84 -6.73 -14.21
N ASP A 266 10.49 -6.29 -15.42
CA ASP A 266 11.23 -5.25 -16.12
C ASP A 266 10.74 -3.88 -15.65
N PRO A 267 11.54 -3.13 -14.91
CA PRO A 267 11.07 -1.81 -14.44
C PRO A 267 10.96 -0.78 -15.55
N HIS A 268 11.48 -1.04 -16.74
CA HIS A 268 11.37 -0.14 -17.87
C HIS A 268 10.28 -0.57 -18.86
N SER A 269 9.46 -1.55 -18.47
CA SER A 269 8.41 -2.04 -19.35
C SER A 269 7.35 -0.98 -19.58
N VAL A 270 6.84 -0.90 -20.81
CA VAL A 270 5.76 0.02 -21.13
C VAL A 270 4.39 -0.63 -20.99
N GLU A 271 4.34 -1.91 -20.62
CA GLU A 271 3.07 -2.59 -20.44
C GLU A 271 2.33 -2.02 -19.23
N GLN A 272 1.01 -2.22 -19.24
CA GLN A 272 0.18 -1.79 -18.12
C GLN A 272 -0.04 -2.94 -17.14
N ILE A 273 -0.22 -2.58 -15.87
CA ILE A 273 -0.63 -3.59 -14.89
C ILE A 273 -2.06 -3.98 -15.19
N GLU A 274 -2.31 -5.27 -15.26
CA GLU A 274 -3.60 -5.83 -15.64
C GLU A 274 -4.37 -6.12 -14.36
N TRP A 275 -4.97 -5.07 -13.81
CA TRP A 275 -5.48 -5.12 -12.44
C TRP A 275 -6.63 -6.11 -12.29
N LYS A 276 -7.56 -6.15 -13.26
CA LYS A 276 -8.80 -6.87 -13.08
C LYS A 276 -8.94 -8.03 -14.05
N HIS A 277 -7.95 -8.93 -14.08
CA HIS A 277 -8.03 -10.10 -14.94
C HIS A 277 -9.14 -11.05 -14.51
N SER A 278 -9.42 -11.14 -13.21
CA SER A 278 -10.54 -11.90 -12.70
C SER A 278 -11.30 -11.03 -11.72
N VAL A 279 -12.59 -10.84 -11.94
CA VAL A 279 -13.46 -10.12 -11.02
C VAL A 279 -14.48 -11.12 -10.49
N LEU A 280 -14.39 -11.43 -9.20
CA LEU A 280 -15.20 -12.47 -8.58
C LEU A 280 -16.21 -11.82 -7.64
N ASP A 281 -17.50 -11.99 -7.95
CA ASP A 281 -18.60 -11.60 -7.07
C ASP A 281 -18.81 -12.73 -6.07
N VAL A 282 -18.33 -12.51 -4.84
CA VAL A 282 -18.28 -13.59 -3.85
C VAL A 282 -19.66 -14.12 -3.54
N GLU A 283 -20.64 -13.23 -3.35
CA GLU A 283 -21.96 -13.66 -2.91
C GLU A 283 -22.69 -14.43 -4.02
N ARG A 284 -22.60 -13.95 -5.26
CA ARG A 284 -23.27 -14.63 -6.37
C ARG A 284 -22.56 -15.90 -6.78
N LEU A 285 -21.33 -16.13 -6.32
CA LEU A 285 -20.60 -17.34 -6.69
C LEU A 285 -20.83 -18.48 -5.70
N GLY A 286 -20.83 -18.18 -4.40
CA GLY A 286 -20.87 -19.21 -3.39
C GLY A 286 -19.49 -19.80 -3.16
N ARG A 287 -19.41 -20.63 -2.11
CA ARG A 287 -18.11 -21.13 -1.64
C ARG A 287 -17.37 -21.90 -2.74
N ASP A 288 -17.99 -22.97 -3.23
CA ASP A 288 -17.29 -23.88 -4.13
C ASP A 288 -16.90 -23.19 -5.43
N ASP A 289 -17.82 -22.40 -6.00
CA ASP A 289 -17.49 -21.69 -7.23
C ASP A 289 -16.47 -20.60 -6.99
N PHE A 290 -16.47 -19.98 -5.82
CA PHE A 290 -15.43 -19.03 -5.46
C PHE A 290 -14.06 -19.70 -5.48
N ARG A 291 -13.95 -20.86 -4.83
CA ARG A 291 -12.68 -21.59 -4.83
C ARG A 291 -12.30 -22.02 -6.24
N LYS A 292 -13.27 -22.48 -7.03
CA LYS A 292 -12.99 -22.89 -8.40
C LYS A 292 -12.46 -21.74 -9.23
N GLU A 293 -13.06 -20.55 -9.09
CA GLU A 293 -12.62 -19.40 -9.87
C GLU A 293 -11.24 -18.92 -9.41
N LEU A 294 -10.97 -18.97 -8.11
CA LEU A 294 -9.64 -18.60 -7.62
C LEU A 294 -8.58 -19.54 -8.18
N GLU A 295 -8.87 -20.85 -8.18
CA GLU A 295 -7.91 -21.80 -8.76
C GLU A 295 -7.78 -21.61 -10.26
N ARG A 296 -8.86 -21.23 -10.95
CA ARG A 296 -8.77 -20.93 -12.37
C ARG A 296 -7.86 -19.72 -12.61
N HIS A 297 -7.95 -18.71 -11.74
CA HIS A 297 -7.05 -17.57 -11.87
C HIS A 297 -5.59 -17.98 -11.61
N ALA A 298 -5.38 -18.85 -10.61
CA ALA A 298 -4.03 -19.34 -10.36
C ALA A 298 -3.47 -20.06 -11.58
N ARG A 299 -4.29 -20.91 -12.21
CA ARG A 299 -3.88 -21.59 -13.43
C ARG A 299 -3.56 -20.59 -14.53
N ASP A 300 -4.44 -19.60 -14.74
CA ASP A 300 -4.20 -18.58 -15.75
C ASP A 300 -2.87 -17.88 -15.52
N MET A 301 -2.52 -17.62 -14.27
CA MET A 301 -1.26 -16.94 -13.98
C MET A 301 -0.06 -17.83 -14.25
N ARG A 302 -0.09 -19.07 -13.74
CA ARG A 302 1.09 -19.94 -13.90
C ARG A 302 1.28 -20.43 -15.32
N LEU A 303 0.32 -20.17 -16.22
CA LEU A 303 0.48 -20.48 -17.63
C LEU A 303 0.88 -19.24 -18.44
N LYS A 304 1.39 -18.21 -17.77
CA LYS A 304 1.86 -16.99 -18.42
C LYS A 304 0.80 -16.33 -19.29
N LYS B 25 17.12 25.24 -4.95
CA LYS B 25 17.68 23.89 -4.88
C LYS B 25 17.99 23.50 -3.44
N SER B 26 19.03 24.12 -2.87
CA SER B 26 19.35 23.86 -1.46
C SER B 26 18.25 24.35 -0.54
N ALA B 27 17.53 25.40 -0.93
CA ALA B 27 16.39 25.86 -0.14
C ALA B 27 15.21 24.90 -0.27
N GLN B 28 15.05 24.28 -1.45
CA GLN B 28 13.97 23.31 -1.62
C GLN B 28 14.22 22.06 -0.78
N GLN B 29 15.48 21.69 -0.55
CA GLN B 29 15.77 20.56 0.33
C GLN B 29 15.36 20.86 1.76
N GLU B 30 15.68 22.06 2.25
CA GLU B 30 15.22 22.46 3.57
C GLU B 30 13.69 22.50 3.63
N LEU B 31 13.06 22.95 2.54
CA LEU B 31 11.60 22.95 2.47
C LEU B 31 11.05 21.53 2.63
N LYS B 32 11.60 20.59 1.87
CA LYS B 32 11.14 19.21 1.94
C LYS B 32 11.39 18.61 3.32
N GLN B 33 12.52 18.96 3.94
CA GLN B 33 12.81 18.44 5.27
C GLN B 33 11.81 18.95 6.30
N ARG B 34 11.55 20.26 6.30
CA ARG B 34 10.56 20.82 7.22
C ARG B 34 9.19 20.18 7.00
N GLN B 35 8.79 20.06 5.72
CA GLN B 35 7.49 19.48 5.42
C GLN B 35 7.41 18.03 5.87
N ARG B 36 8.48 17.26 5.70
CA ARG B 36 8.46 15.86 6.09
C ARG B 36 8.38 15.72 7.60
N ALA B 37 9.13 16.54 8.35
CA ALA B 37 9.07 16.49 9.80
C ALA B 37 7.66 16.82 10.29
N GLU B 38 7.05 17.87 9.72
CA GLU B 38 5.70 18.22 10.13
C GLU B 38 4.71 17.13 9.73
N ILE B 39 4.91 16.52 8.56
CA ILE B 39 4.03 15.44 8.10
C ILE B 39 4.06 14.28 9.08
N TYR B 40 5.25 13.94 9.58
CA TYR B 40 5.32 12.79 10.49
C TYR B 40 4.81 13.12 11.88
N ALA B 41 5.04 14.35 12.37
CA ALA B 41 4.42 14.73 13.64
C ALA B 41 2.89 14.68 13.54
N LEU B 42 2.35 15.22 12.44
CA LEU B 42 0.92 15.14 12.20
C LEU B 42 0.44 13.71 12.09
N ASN B 43 1.23 12.85 11.43
CA ASN B 43 0.81 11.46 11.26
C ASN B 43 0.78 10.74 12.59
N ARG B 44 1.71 11.05 13.49
CA ARG B 44 1.65 10.47 14.82
C ARG B 44 0.38 10.91 15.55
N VAL B 45 0.07 12.21 15.48
CA VAL B 45 -1.14 12.71 16.14
C VAL B 45 -2.38 12.02 15.59
N MET B 46 -2.50 11.97 14.26
CA MET B 46 -3.69 11.39 13.64
C MET B 46 -3.75 9.88 13.85
N THR B 47 -2.61 9.21 13.94
CA THR B 47 -2.60 7.78 14.21
C THR B 47 -3.13 7.50 15.61
N GLU B 48 -2.69 8.29 16.60
CA GLU B 48 -3.23 8.12 17.95
C GLU B 48 -4.73 8.40 17.96
N LEU B 49 -5.16 9.48 17.31
CA LEU B 49 -6.59 9.81 17.27
C LEU B 49 -7.39 8.67 16.66
N GLU B 50 -6.93 8.12 15.53
CA GLU B 50 -7.68 7.08 14.84
C GLU B 50 -7.70 5.79 15.64
N GLN B 51 -6.58 5.43 16.27
CA GLN B 51 -6.55 4.22 17.09
C GLN B 51 -7.47 4.37 18.30
N GLN B 52 -7.70 5.59 18.76
CA GLN B 52 -8.73 5.80 19.78
C GLN B 52 -10.13 5.77 19.17
N GLN B 53 -10.42 6.73 18.27
CA GLN B 53 -11.75 6.89 17.73
C GLN B 53 -11.72 7.02 16.21
#